data_2YLQ
#
_entry.id   2YLQ
#
_cell.length_a   56.160
_cell.length_b   66.470
_cell.length_c   73.300
_cell.angle_alpha   90.00
_cell.angle_beta   90.00
_cell.angle_gamma   90.00
#
_symmetry.space_group_name_H-M   'P 21 21 21'
#
loop_
_entity.id
_entity.type
_entity.pdbx_description
1 polymer 'ANDROGEN RECEPTOR'
2 non-polymer 'SULFATE ION'
3 non-polymer TESTOSTERONE
4 non-polymer '3-[1-[2-(4-METHYLPHENOXY)ETHYL]BENZIMIDAZOL-2-YL]SULFANYLPROPANOIC ACID'
5 water water
#
_entity_poly.entity_id   1
_entity_poly.type   'polypeptide(L)'
_entity_poly.pdbx_seq_one_letter_code
;IEGYECQPIFLNVLEAIEPGVVCAGHDNNQPDSFAALLSSLNELGERQLVHVVKWAKALPGFRNLHVDDQMAVIQYSWMG
LMVFAMGWRSFTNVNSRMLYFAPDLVFNEYRMHKSRMYSQCVRMRHLSQEFGWLQITPQEFLCMKALLLFSIIPVDGLKN
QKFFDELRMNYIKELDRIIACKRKNPTSCSRRFYQLTKLLDSVQPIARELHQFTFDLLIKSHMVSVDFPEMMAEIISVQV
PKILSGKVKPIYFHTQ
;
_entity_poly.pdbx_strand_id   A
#
# COMPACT_ATOMS: atom_id res chain seq x y z
N PRO A 8 15.24 -11.50 -17.24
CA PRO A 8 14.25 -10.66 -16.56
C PRO A 8 12.86 -11.33 -16.47
N ILE A 9 12.82 -12.66 -16.35
CA ILE A 9 11.58 -13.40 -16.15
C ILE A 9 10.76 -12.88 -14.97
N PHE A 10 11.38 -12.64 -13.81
CA PHE A 10 10.66 -12.11 -12.62
C PHE A 10 9.94 -10.74 -12.86
N LEU A 11 10.63 -9.81 -13.52
CA LEU A 11 10.06 -8.54 -13.95
C LEU A 11 8.96 -8.65 -15.02
N ASN A 12 9.18 -9.52 -16.01
CA ASN A 12 8.15 -9.82 -17.00
C ASN A 12 6.85 -10.06 -16.28
N VAL A 13 6.93 -10.87 -15.22
CA VAL A 13 5.75 -11.29 -14.49
C VAL A 13 5.12 -10.13 -13.74
N LEU A 14 5.93 -9.40 -13.00
CA LEU A 14 5.41 -8.26 -12.24
C LEU A 14 4.74 -7.24 -13.16
N GLU A 15 5.36 -7.04 -14.31
CA GLU A 15 4.89 -6.09 -15.33
C GLU A 15 3.60 -6.62 -15.96
N ALA A 16 3.51 -7.94 -16.10
CA ALA A 16 2.31 -8.53 -16.67
C ALA A 16 1.12 -8.54 -15.74
N ILE A 17 1.33 -8.77 -14.44
CA ILE A 17 0.20 -8.93 -13.48
C ILE A 17 -0.29 -7.59 -12.88
N GLU A 18 0.43 -6.51 -13.14
CA GLU A 18 0.09 -5.16 -12.65
C GLU A 18 -1.30 -4.66 -13.01
N PRO A 19 -2.15 -4.44 -11.98
CA PRO A 19 -3.55 -4.03 -12.21
C PRO A 19 -3.62 -2.71 -12.95
N GLY A 20 -4.76 -2.50 -13.59
CA GLY A 20 -4.93 -1.28 -14.34
C GLY A 20 -5.55 -0.21 -13.47
N VAL A 21 -6.07 0.80 -14.16
CA VAL A 21 -6.81 1.89 -13.58
C VAL A 21 -7.98 1.28 -12.86
N VAL A 22 -8.25 1.73 -11.64
CA VAL A 22 -9.46 1.33 -10.92
C VAL A 22 -10.26 2.62 -10.57
N CYS A 23 -11.52 2.72 -10.99
CA CYS A 23 -12.29 3.95 -10.72
C CYS A 23 -13.02 3.88 -9.37
N ALA A 24 -13.12 5.03 -8.71
CA ALA A 24 -13.75 5.10 -7.38
C ALA A 24 -15.27 5.02 -7.46
N GLY A 25 -15.85 5.55 -8.54
CA GLY A 25 -17.33 5.61 -8.71
C GLY A 25 -17.91 6.88 -8.10
N HIS A 26 -17.03 7.80 -7.69
CA HIS A 26 -17.47 9.04 -7.05
C HIS A 26 -18.28 9.92 -7.99
N ASP A 27 -19.42 10.41 -7.49
CA ASP A 27 -20.22 11.43 -8.19
C ASP A 27 -19.62 12.80 -7.91
N ASN A 28 -18.79 13.30 -8.83
CA ASN A 28 -18.17 14.63 -8.69
C ASN A 28 -19.14 15.82 -8.78
N ASN A 29 -20.37 15.55 -9.21
CA ASN A 29 -21.45 16.53 -9.11
C ASN A 29 -21.86 16.97 -7.71
N GLN A 30 -22.03 15.99 -6.81
CA GLN A 30 -22.21 16.24 -5.37
C GLN A 30 -21.17 17.23 -4.79
N PRO A 31 -21.53 17.97 -3.73
CA PRO A 31 -20.55 18.85 -3.09
C PRO A 31 -19.55 18.08 -2.24
N ASP A 32 -18.31 18.55 -2.23
CA ASP A 32 -17.23 17.91 -1.50
C ASP A 32 -17.52 17.87 0.00
N SER A 33 -18.25 16.88 0.47
CA SER A 33 -18.42 16.73 1.92
C SER A 33 -17.56 15.57 2.45
N PHE A 34 -17.35 15.56 3.78
CA PHE A 34 -16.73 14.47 4.50
C PHE A 34 -17.40 13.12 4.23
N ALA A 35 -18.69 13.03 4.56
CA ALA A 35 -19.47 11.83 4.32
C ALA A 35 -19.26 11.25 2.90
N ALA A 36 -19.38 12.09 1.88
CA ALA A 36 -19.28 11.65 0.49
C ALA A 36 -17.83 11.37 0.06
N LEU A 37 -16.88 12.20 0.49
CA LEU A 37 -15.46 11.94 0.21
C LEU A 37 -15.05 10.56 0.80
N LEU A 38 -15.40 10.32 2.06
CA LEU A 38 -15.00 9.07 2.75
C LEU A 38 -15.74 7.80 2.32
N SER A 39 -17.04 7.89 2.04
CA SER A 39 -17.75 6.73 1.46
C SER A 39 -17.13 6.31 0.12
N SER A 40 -16.74 7.30 -0.69
CA SER A 40 -16.12 7.02 -1.97
C SER A 40 -14.73 6.38 -1.86
N LEU A 41 -13.89 6.90 -0.96
CA LEU A 41 -12.58 6.34 -0.63
C LEU A 41 -12.76 4.89 -0.16
N ASN A 42 -13.77 4.66 0.67
CA ASN A 42 -14.18 3.31 1.11
C ASN A 42 -14.60 2.36 -0.02
N GLU A 43 -15.45 2.84 -0.92
CA GLU A 43 -15.84 2.05 -2.13
C GLU A 43 -14.59 1.77 -2.97
N LEU A 44 -13.71 2.77 -3.08
CA LEU A 44 -12.45 2.59 -3.79
C LEU A 44 -11.63 1.48 -3.13
N GLY A 45 -11.55 1.49 -1.81
CA GLY A 45 -10.81 0.50 -1.09
C GLY A 45 -11.35 -0.86 -1.43
N GLU A 46 -12.67 -1.00 -1.39
CA GLU A 46 -13.29 -2.32 -1.58
C GLU A 46 -12.93 -2.88 -2.99
N ARG A 47 -13.06 -2.00 -3.99
CA ARG A 47 -12.74 -2.30 -5.40
C ARG A 47 -11.26 -2.60 -5.59
N GLN A 48 -10.40 -1.77 -5.03
CA GLN A 48 -9.00 -2.12 -5.10
C GLN A 48 -8.69 -3.47 -4.45
N LEU A 49 -9.39 -3.86 -3.38
CA LEU A 49 -9.14 -5.13 -2.70
C LEU A 49 -9.31 -6.30 -3.65
N VAL A 50 -10.39 -6.30 -4.44
CA VAL A 50 -10.61 -7.37 -5.42
C VAL A 50 -9.36 -7.51 -6.29
N HIS A 51 -8.77 -6.42 -6.71
CA HIS A 51 -7.68 -6.50 -7.66
C HIS A 51 -6.38 -6.92 -7.00
N VAL A 52 -6.21 -6.52 -5.73
CA VAL A 52 -5.09 -6.93 -4.91
C VAL A 52 -5.09 -8.47 -4.71
N VAL A 53 -6.24 -9.04 -4.34
CA VAL A 53 -6.34 -10.46 -4.20
C VAL A 53 -5.84 -11.13 -5.48
N LYS A 54 -6.32 -10.63 -6.61
CA LYS A 54 -6.06 -11.27 -7.90
C LYS A 54 -4.61 -11.12 -8.28
N TRP A 55 -4.05 -9.93 -8.04
CA TRP A 55 -2.63 -9.66 -8.29
C TRP A 55 -1.74 -10.55 -7.39
N ALA A 56 -2.04 -10.57 -6.09
CA ALA A 56 -1.25 -11.29 -5.09
C ALA A 56 -1.09 -12.76 -5.45
N LYS A 57 -2.21 -13.45 -5.63
CA LYS A 57 -2.21 -14.86 -6.07
C LYS A 57 -1.41 -15.18 -7.38
N ALA A 58 -1.28 -14.21 -8.27
CA ALA A 58 -0.44 -14.41 -9.44
C ALA A 58 1.01 -14.05 -9.20
N LEU A 59 1.38 -13.62 -7.99
CA LEU A 59 2.78 -13.27 -7.82
C LEU A 59 3.64 -14.55 -7.80
N PRO A 60 4.88 -14.48 -8.26
CA PRO A 60 5.68 -15.71 -8.15
C PRO A 60 5.86 -16.28 -6.71
N GLY A 61 5.50 -17.55 -6.51
CA GLY A 61 5.72 -18.22 -5.21
C GLY A 61 4.58 -18.09 -4.20
N PHE A 62 3.64 -17.17 -4.48
CA PHE A 62 2.63 -16.83 -3.51
C PHE A 62 1.72 -17.98 -3.13
N ARG A 63 1.38 -18.86 -4.08
CA ARG A 63 0.41 -19.94 -3.76
C ARG A 63 1.05 -21.09 -2.92
N ASN A 64 2.39 -21.14 -2.91
CA ASN A 64 3.24 -21.90 -2.00
C ASN A 64 2.93 -21.65 -0.52
N LEU A 65 2.51 -20.44 -0.17
CA LEU A 65 2.17 -20.15 1.19
C LEU A 65 0.92 -20.92 1.54
N HIS A 66 0.83 -21.29 2.81
CA HIS A 66 -0.35 -21.89 3.32
C HIS A 66 -1.52 -20.96 2.99
N VAL A 67 -2.67 -21.55 2.68
CA VAL A 67 -3.80 -20.82 2.16
C VAL A 67 -4.37 -19.74 3.12
N ASP A 68 -4.39 -20.03 4.43
CA ASP A 68 -4.84 -19.06 5.44
C ASP A 68 -3.84 -17.91 5.62
N ASP A 69 -2.56 -18.22 5.40
CA ASP A 69 -1.50 -17.25 5.42
C ASP A 69 -1.62 -16.30 4.24
N GLN A 70 -1.98 -16.84 3.08
CA GLN A 70 -2.32 -16.03 1.91
C GLN A 70 -3.32 -14.92 2.25
N MET A 71 -4.46 -15.29 2.82
CA MET A 71 -5.53 -14.35 3.22
C MET A 71 -5.03 -13.32 4.25
N ALA A 72 -4.28 -13.79 5.23
CA ALA A 72 -3.76 -12.99 6.30
C ALA A 72 -2.77 -11.94 5.82
N VAL A 73 -1.78 -12.29 5.00
CA VAL A 73 -0.84 -11.26 4.54
C VAL A 73 -1.51 -10.20 3.65
N ILE A 74 -2.44 -10.61 2.79
CA ILE A 74 -3.24 -9.64 2.05
C ILE A 74 -4.00 -8.71 3.04
N GLN A 75 -4.64 -9.31 4.05
CA GLN A 75 -5.53 -8.55 4.89
C GLN A 75 -4.80 -7.61 5.83
N TYR A 76 -3.51 -7.87 6.09
CA TYR A 76 -2.71 -6.95 6.90
C TYR A 76 -2.07 -5.89 6.05
N SER A 77 -1.71 -6.23 4.83
CA SER A 77 -0.79 -5.35 4.11
C SER A 77 -1.48 -4.43 3.09
N TRP A 78 -2.77 -4.62 2.87
CA TRP A 78 -3.45 -3.84 1.85
C TRP A 78 -3.27 -2.32 1.93
N MET A 79 -3.42 -1.77 3.12
CA MET A 79 -3.26 -0.33 3.35
C MET A 79 -1.94 0.18 2.81
N GLY A 80 -0.83 -0.44 3.18
CA GLY A 80 0.48 -0.01 2.66
C GLY A 80 0.60 -0.22 1.14
N LEU A 81 0.02 -1.30 0.59
CA LEU A 81 0.16 -1.55 -0.85
C LEU A 81 -0.49 -0.41 -1.62
N MET A 82 -1.81 -0.24 -1.40
CA MET A 82 -2.62 0.82 -1.93
C MET A 82 -2.10 2.26 -1.74
N VAL A 83 -1.62 2.58 -0.54
CA VAL A 83 -1.06 3.90 -0.29
C VAL A 83 0.13 4.11 -1.19
N PHE A 84 0.97 3.08 -1.28
CA PHE A 84 2.19 3.19 -2.05
C PHE A 84 1.93 3.34 -3.58
N ALA A 85 0.99 2.54 -4.09
CA ALA A 85 0.64 2.58 -5.49
C ALA A 85 -0.01 3.94 -5.81
N MET A 86 -0.79 4.44 -4.87
CA MET A 86 -1.48 5.73 -5.02
C MET A 86 -0.44 6.88 -5.15
N GLY A 87 0.63 6.83 -4.36
CA GLY A 87 1.73 7.77 -4.43
C GLY A 87 2.41 7.69 -5.79
N TRP A 88 2.60 6.47 -6.30
CA TRP A 88 3.22 6.31 -7.60
C TRP A 88 2.33 6.97 -8.65
N ARG A 89 1.05 6.60 -8.65
CA ARG A 89 0.07 7.18 -9.55
C ARG A 89 0.12 8.69 -9.47
N SER A 90 0.24 9.20 -8.25
CA SER A 90 0.19 10.61 -8.03
C SER A 90 1.43 11.23 -8.66
N PHE A 91 2.54 10.49 -8.56
CA PHE A 91 3.78 11.01 -9.07
C PHE A 91 3.76 11.07 -10.60
N THR A 92 3.13 10.09 -11.25
CA THR A 92 3.23 9.95 -12.70
C THR A 92 2.18 10.77 -13.48
N ASN A 93 0.99 10.99 -12.89
CA ASN A 93 -0.16 11.69 -13.51
C ASN A 93 -0.31 13.15 -13.14
N VAL A 94 0.32 13.58 -12.05
CA VAL A 94 0.14 14.94 -11.56
C VAL A 94 1.38 15.44 -10.81
N ASN A 95 2.54 14.92 -11.19
CA ASN A 95 3.81 15.23 -10.53
C ASN A 95 3.68 15.43 -9.00
N SER A 96 2.79 14.64 -8.38
CA SER A 96 2.63 14.61 -6.91
C SER A 96 2.02 15.88 -6.29
N ARG A 97 1.43 16.74 -7.14
CA ARG A 97 0.88 18.02 -6.72
C ARG A 97 -0.45 17.78 -5.92
N MET A 98 -1.17 16.71 -6.29
CA MET A 98 -2.41 16.30 -5.62
C MET A 98 -2.39 14.80 -5.36
N LEU A 99 -3.43 14.28 -4.72
CA LEU A 99 -3.48 12.86 -4.50
C LEU A 99 -4.44 12.24 -5.48
N TYR A 100 -3.86 11.41 -6.34
CA TYR A 100 -4.54 10.74 -7.42
C TYR A 100 -5.05 9.36 -6.92
N PHE A 101 -6.03 9.40 -6.04
CA PHE A 101 -6.62 8.15 -5.60
C PHE A 101 -7.12 7.37 -6.77
N ALA A 102 -7.82 8.04 -7.68
CA ALA A 102 -8.47 7.41 -8.84
C ALA A 102 -8.72 8.53 -9.88
N PRO A 103 -8.87 8.17 -11.19
CA PRO A 103 -9.13 9.23 -12.19
C PRO A 103 -10.39 10.05 -11.87
N ASP A 104 -11.35 9.44 -11.16
CA ASP A 104 -12.53 10.18 -10.70
C ASP A 104 -12.51 10.61 -9.20
N LEU A 105 -11.34 10.61 -8.55
CA LEU A 105 -11.26 11.03 -7.13
C LEU A 105 -9.85 11.53 -6.89
N VAL A 106 -9.55 12.69 -7.47
CA VAL A 106 -8.29 13.40 -7.29
C VAL A 106 -8.51 14.37 -6.11
N PHE A 107 -7.64 14.37 -5.10
CA PHE A 107 -7.78 15.29 -3.98
C PHE A 107 -6.83 16.48 -4.23
N ASN A 108 -7.44 17.67 -4.35
CA ASN A 108 -6.79 19.00 -4.26
C ASN A 108 -6.74 19.45 -2.79
N GLU A 109 -6.30 20.67 -2.51
CA GLU A 109 -6.12 21.01 -1.10
C GLU A 109 -7.43 21.03 -0.31
N TYR A 110 -8.47 21.51 -0.97
CA TYR A 110 -9.79 21.65 -0.37
C TYR A 110 -10.26 20.28 0.09
N ARG A 111 -10.25 19.32 -0.85
CA ARG A 111 -10.62 17.94 -0.51
C ARG A 111 -9.81 17.33 0.66
N MET A 112 -8.53 17.66 0.78
CA MET A 112 -7.69 17.22 1.90
C MET A 112 -8.23 17.73 3.24
N HIS A 113 -8.55 19.01 3.31
CA HIS A 113 -9.24 19.58 4.47
C HIS A 113 -10.61 18.95 4.77
N LYS A 114 -11.44 18.85 3.74
CA LYS A 114 -12.82 18.33 3.88
C LYS A 114 -12.91 16.88 4.34
N SER A 115 -11.95 16.07 3.89
CA SER A 115 -11.85 14.65 4.28
C SER A 115 -11.47 14.46 5.76
N ARG A 116 -11.15 15.58 6.43
CA ARG A 116 -10.67 15.59 7.83
C ARG A 116 -9.40 14.73 8.01
N MET A 117 -8.57 14.68 6.96
CA MET A 117 -7.36 13.86 6.98
C MET A 117 -6.18 14.63 6.54
N TYR A 118 -6.25 15.94 6.70
CA TYR A 118 -5.31 16.79 6.01
C TYR A 118 -3.85 16.34 6.27
N SER A 119 -3.51 16.06 7.53
CA SER A 119 -2.09 15.78 7.86
C SER A 119 -1.66 14.43 7.32
N GLN A 120 -2.56 13.46 7.38
CA GLN A 120 -2.33 12.19 6.69
C GLN A 120 -2.07 12.35 5.17
N CYS A 121 -2.86 13.19 4.50
CA CYS A 121 -2.67 13.44 3.05
C CYS A 121 -1.35 14.13 2.79
N VAL A 122 -0.97 15.03 3.68
CA VAL A 122 0.32 15.72 3.58
C VAL A 122 1.45 14.66 3.60
N ARG A 123 1.27 13.68 4.49
CA ARG A 123 2.24 12.61 4.64
C ARG A 123 2.25 11.72 3.37
N MET A 124 1.07 11.45 2.84
CA MET A 124 1.02 10.73 1.57
C MET A 124 1.65 11.55 0.43
N ARG A 125 1.38 12.86 0.39
CA ARG A 125 1.95 13.67 -0.67
C ARG A 125 3.48 13.61 -0.57
N HIS A 126 4.04 13.68 0.66
CA HIS A 126 5.51 13.53 0.82
C HIS A 126 6.04 12.21 0.26
N LEU A 127 5.36 11.12 0.63
CA LEU A 127 5.65 9.80 0.12
C LEU A 127 5.61 9.84 -1.39
N SER A 128 4.53 10.36 -1.94
CA SER A 128 4.46 10.57 -3.38
C SER A 128 5.71 11.26 -4.00
N GLN A 129 6.25 12.28 -3.34
CA GLN A 129 7.34 13.08 -3.91
C GLN A 129 8.69 12.35 -3.86
N GLU A 130 8.87 11.53 -2.83
CA GLU A 130 10.03 10.65 -2.77
C GLU A 130 10.26 9.90 -4.12
N PHE A 131 9.21 9.41 -4.78
CA PHE A 131 9.35 8.85 -6.11
C PHE A 131 10.15 9.75 -7.08
N GLY A 132 9.91 11.07 -7.04
CA GLY A 132 10.67 12.03 -7.85
C GLY A 132 12.04 12.29 -7.25
N TRP A 133 12.08 12.62 -5.97
CA TRP A 133 13.38 12.92 -5.32
C TRP A 133 14.37 11.81 -5.52
N LEU A 134 13.90 10.56 -5.39
CA LEU A 134 14.75 9.39 -5.60
C LEU A 134 14.84 8.93 -7.06
N GLN A 135 13.98 9.46 -7.94
CA GLN A 135 14.06 9.04 -9.36
C GLN A 135 13.83 7.51 -9.47
N ILE A 136 12.81 7.03 -8.77
CA ILE A 136 12.46 5.61 -8.78
C ILE A 136 12.05 5.17 -10.17
N THR A 137 12.59 4.04 -10.63
CA THR A 137 12.15 3.48 -11.91
C THR A 137 10.87 2.63 -11.77
N PRO A 138 10.12 2.43 -12.85
CA PRO A 138 8.99 1.50 -12.83
C PRO A 138 9.33 0.08 -12.35
N GLN A 139 10.54 -0.37 -12.65
CA GLN A 139 11.03 -1.67 -12.22
C GLN A 139 11.21 -1.71 -10.68
N GLU A 140 11.87 -0.69 -10.13
CA GLU A 140 12.10 -0.55 -8.70
C GLU A 140 10.74 -0.46 -8.04
N PHE A 141 9.82 0.31 -8.64
CA PHE A 141 8.51 0.50 -8.03
C PHE A 141 7.77 -0.84 -7.88
N LEU A 142 7.81 -1.66 -8.92
CA LEU A 142 7.02 -2.90 -8.98
C LEU A 142 7.57 -3.89 -7.96
N CYS A 143 8.89 -3.87 -7.79
CA CYS A 143 9.49 -4.83 -6.93
C CYS A 143 9.33 -4.43 -5.47
N MET A 144 9.45 -3.13 -5.21
CA MET A 144 9.14 -2.59 -3.92
C MET A 144 7.69 -2.87 -3.50
N LYS A 145 6.75 -2.74 -4.41
CA LYS A 145 5.36 -2.91 -4.07
C LYS A 145 5.07 -4.39 -3.75
N ALA A 146 5.65 -5.29 -4.56
CA ALA A 146 5.64 -6.73 -4.26
C ALA A 146 6.20 -7.03 -2.84
N LEU A 147 7.28 -6.36 -2.45
CA LEU A 147 7.84 -6.56 -1.11
C LEU A 147 6.94 -6.04 0.01
N LEU A 148 6.19 -4.98 -0.25
CA LEU A 148 5.20 -4.58 0.74
C LEU A 148 4.19 -5.69 1.03
N LEU A 149 3.90 -6.58 0.07
CA LEU A 149 2.94 -7.68 0.38
C LEU A 149 3.48 -8.50 1.56
N PHE A 150 4.81 -8.49 1.71
CA PHE A 150 5.51 -9.37 2.68
C PHE A 150 6.14 -8.61 3.84
N SER A 151 5.48 -7.55 4.29
CA SER A 151 6.12 -6.66 5.23
C SER A 151 5.38 -6.46 6.53
N ILE A 152 4.38 -7.28 6.79
CA ILE A 152 3.62 -7.13 8.02
C ILE A 152 2.98 -8.47 8.41
N ILE A 153 3.25 -8.92 9.65
CA ILE A 153 2.88 -10.28 10.08
C ILE A 153 2.57 -10.31 11.55
N PRO A 154 1.87 -11.37 12.05
CA PRO A 154 1.65 -11.53 13.50
C PRO A 154 2.97 -11.74 14.20
N VAL A 155 3.13 -11.18 15.41
CA VAL A 155 4.37 -11.35 16.18
C VAL A 155 4.59 -12.83 16.54
N ASP A 156 3.53 -13.63 16.71
CA ASP A 156 3.81 -15.05 16.98
C ASP A 156 3.79 -15.97 15.75
N GLY A 157 4.18 -15.43 14.59
CA GLY A 157 4.25 -16.18 13.32
C GLY A 157 2.97 -16.48 12.56
N LEU A 158 3.14 -16.79 11.28
CA LEU A 158 2.10 -17.37 10.41
C LEU A 158 1.98 -18.91 10.55
N LYS A 159 0.97 -19.52 9.93
CA LYS A 159 0.79 -20.97 9.93
C LYS A 159 2.02 -21.67 9.39
N ASN A 160 2.47 -21.29 8.18
CA ASN A 160 3.80 -21.72 7.71
C ASN A 160 4.79 -20.57 7.48
N GLN A 161 5.46 -20.22 8.55
CA GLN A 161 6.39 -19.14 8.63
C GLN A 161 7.66 -19.39 7.86
N LYS A 162 8.09 -20.66 7.77
CA LYS A 162 9.36 -20.97 7.10
C LYS A 162 9.24 -20.62 5.60
N PHE A 163 8.10 -20.98 5.02
CA PHE A 163 7.79 -20.64 3.64
C PHE A 163 7.70 -19.11 3.44
N PHE A 164 7.02 -18.40 4.35
CA PHE A 164 7.01 -16.95 4.27
C PHE A 164 8.44 -16.34 4.28
N ASP A 165 9.31 -16.85 5.17
CA ASP A 165 10.69 -16.33 5.26
C ASP A 165 11.52 -16.52 3.97
N GLU A 166 11.43 -17.69 3.34
CA GLU A 166 12.14 -17.92 2.08
C GLU A 166 11.56 -17.02 0.96
N LEU A 167 10.25 -16.90 0.94
CA LEU A 167 9.59 -16.12 -0.05
C LEU A 167 10.03 -14.66 0.05
N ARG A 168 9.91 -14.11 1.27
CA ARG A 168 10.28 -12.74 1.48
C ARG A 168 11.77 -12.54 1.10
N MET A 169 12.63 -13.47 1.51
CA MET A 169 14.08 -13.37 1.15
C MET A 169 14.24 -13.28 -0.37
N ASN A 170 13.47 -14.08 -1.12
CA ASN A 170 13.56 -14.04 -2.59
C ASN A 170 13.14 -12.69 -3.16
N TYR A 171 12.08 -12.09 -2.59
CA TYR A 171 11.68 -10.76 -3.07
C TYR A 171 12.74 -9.72 -2.80
N ILE A 172 13.41 -9.82 -1.65
CA ILE A 172 14.53 -8.95 -1.34
C ILE A 172 15.66 -9.14 -2.37
N LYS A 173 15.92 -10.39 -2.74
CA LYS A 173 17.00 -10.70 -3.67
C LYS A 173 16.65 -10.05 -5.00
N GLU A 174 15.35 -10.07 -5.31
CA GLU A 174 14.89 -9.57 -6.61
C GLU A 174 15.03 -8.06 -6.79
N LEU A 175 14.68 -7.31 -5.75
CA LEU A 175 14.87 -5.86 -5.70
C LEU A 175 16.35 -5.50 -5.77
N ASP A 176 17.18 -6.27 -5.08
CA ASP A 176 18.61 -6.03 -5.09
C ASP A 176 19.14 -6.24 -6.51
N ARG A 177 18.64 -7.26 -7.23
CA ARG A 177 18.92 -7.48 -8.68
C ARG A 177 18.58 -6.29 -9.62
N ILE A 178 17.34 -5.79 -9.48
CA ILE A 178 16.78 -4.66 -10.21
C ILE A 178 17.62 -3.38 -10.06
N ILE A 179 18.16 -3.16 -8.87
CA ILE A 179 19.16 -2.15 -8.61
C ILE A 179 20.48 -2.48 -9.40
N ALA A 180 20.93 -3.74 -9.33
CA ALA A 180 22.27 -4.17 -9.77
C ALA A 180 22.45 -4.36 -11.30
N CYS A 181 21.40 -4.80 -12.00
CA CYS A 181 21.41 -4.70 -13.45
C CYS A 181 21.36 -3.21 -13.81
N LYS A 182 22.55 -2.59 -13.88
CA LYS A 182 22.66 -1.14 -14.05
C LYS A 182 24.03 -0.49 -13.73
N ARG A 183 24.67 -0.84 -12.60
CA ARG A 183 25.79 0.01 -12.04
C ARG A 183 27.17 -0.66 -11.83
N LYS A 184 28.25 0.15 -11.83
CA LYS A 184 29.63 -0.35 -11.67
C LYS A 184 30.26 -0.04 -10.30
N ASN A 185 30.85 1.15 -10.17
CA ASN A 185 31.62 1.56 -8.98
C ASN A 185 30.80 1.62 -7.65
N PRO A 186 30.91 0.55 -6.81
CA PRO A 186 29.89 -0.02 -5.84
C PRO A 186 29.47 0.67 -4.49
N THR A 187 29.79 1.95 -4.28
CA THR A 187 29.09 2.78 -3.26
C THR A 187 27.68 3.20 -3.76
N SER A 188 27.52 3.30 -5.08
CA SER A 188 26.26 3.66 -5.72
C SER A 188 25.16 2.63 -5.41
N CYS A 189 25.46 1.34 -5.64
CA CYS A 189 24.53 0.22 -5.38
C CYS A 189 24.20 0.03 -3.88
N SER A 190 25.16 0.35 -3.02
CA SER A 190 24.97 0.28 -1.60
C SER A 190 24.09 1.44 -1.13
N ARG A 191 24.41 2.67 -1.56
CA ARG A 191 23.57 3.85 -1.25
C ARG A 191 22.12 3.65 -1.76
N ARG A 192 21.97 3.08 -2.94
CA ARG A 192 20.62 2.95 -3.51
C ARG A 192 19.75 1.92 -2.77
N PHE A 193 20.35 0.78 -2.39
CA PHE A 193 19.64 -0.24 -1.62
C PHE A 193 19.25 0.38 -0.28
N TYR A 194 20.19 1.10 0.35
CA TYR A 194 19.89 1.88 1.55
C TYR A 194 18.71 2.84 1.38
N GLN A 195 18.72 3.64 0.31
CA GLN A 195 17.63 4.58 -0.03
C GLN A 195 16.26 3.90 -0.12
N LEU A 196 16.20 2.82 -0.90
CA LEU A 196 14.93 2.11 -1.09
C LEU A 196 14.42 1.33 0.12
N THR A 197 15.32 0.75 0.91
CA THR A 197 14.83 0.12 2.13
C THR A 197 14.33 1.18 3.10
N LYS A 198 14.98 2.33 3.12
CA LYS A 198 14.47 3.46 3.90
C LYS A 198 13.06 3.94 3.44
N LEU A 199 12.91 4.20 2.15
CA LEU A 199 11.61 4.51 1.59
C LEU A 199 10.52 3.51 1.93
N LEU A 200 10.77 2.23 1.69
CA LEU A 200 9.83 1.15 2.07
C LEU A 200 9.43 1.17 3.54
N ASP A 201 10.41 1.38 4.43
CA ASP A 201 10.14 1.50 5.89
C ASP A 201 9.17 2.68 6.13
N SER A 202 9.43 3.81 5.47
CA SER A 202 8.58 5.00 5.56
C SER A 202 7.08 4.79 5.24
N VAL A 203 6.71 3.72 4.55
CA VAL A 203 5.28 3.46 4.29
C VAL A 203 4.55 3.02 5.54
N GLN A 204 5.25 2.34 6.44
CA GLN A 204 4.59 1.76 7.60
C GLN A 204 3.92 2.78 8.53
N PRO A 205 4.66 3.85 8.95
CA PRO A 205 4.05 4.76 9.95
C PRO A 205 2.78 5.42 9.40
N ILE A 206 2.82 5.77 8.11
CA ILE A 206 1.68 6.32 7.37
C ILE A 206 0.54 5.31 7.31
N ALA A 207 0.84 4.09 6.87
CA ALA A 207 -0.17 3.02 6.88
C ALA A 207 -0.84 2.94 8.23
N ARG A 208 -0.03 2.98 9.28
CA ARG A 208 -0.52 2.87 10.65
C ARG A 208 -1.45 4.04 11.05
N GLU A 209 -1.10 5.28 10.66
CA GLU A 209 -2.05 6.44 10.84
C GLU A 209 -3.38 6.20 10.18
N LEU A 210 -3.35 5.64 8.97
CA LEU A 210 -4.60 5.39 8.25
C LEU A 210 -5.38 4.24 8.86
N HIS A 211 -4.66 3.29 9.47
CA HIS A 211 -5.33 2.20 10.23
C HIS A 211 -6.13 2.79 11.43
N GLN A 212 -5.46 3.57 12.28
CA GLN A 212 -6.14 4.29 13.39
C GLN A 212 -7.39 5.04 12.90
N PHE A 213 -7.16 5.91 11.91
CA PHE A 213 -8.20 6.75 11.40
C PHE A 213 -9.41 5.97 10.87
N THR A 214 -9.17 4.99 10.01
CA THR A 214 -10.28 4.24 9.45
C THR A 214 -10.99 3.49 10.54
N PHE A 215 -10.25 3.05 11.55
CA PHE A 215 -10.86 2.28 12.64
C PHE A 215 -11.83 3.17 13.41
N ASP A 216 -11.29 4.28 13.89
CA ASP A 216 -12.07 5.30 14.58
C ASP A 216 -13.29 5.65 13.75
N LEU A 217 -13.08 5.80 12.43
CA LEU A 217 -14.18 6.18 11.55
C LEU A 217 -15.27 5.11 11.55
N LEU A 218 -14.89 3.85 11.53
CA LEU A 218 -15.86 2.82 11.34
C LEU A 218 -16.73 2.79 12.61
N ILE A 219 -16.08 3.06 13.75
CA ILE A 219 -16.76 3.08 15.04
C ILE A 219 -17.86 4.13 15.07
N LYS A 220 -17.55 5.35 14.61
CA LYS A 220 -18.57 6.42 14.56
C LYS A 220 -19.28 6.66 13.24
N SER A 221 -19.26 5.65 12.36
CA SER A 221 -19.75 5.74 10.96
C SER A 221 -21.23 6.00 10.78
N HIS A 222 -22.07 5.28 11.53
CA HIS A 222 -23.54 5.50 11.53
C HIS A 222 -23.92 6.91 12.07
N MET A 223 -23.05 7.51 12.88
CA MET A 223 -23.33 8.80 13.49
C MET A 223 -22.98 9.89 12.50
N VAL A 224 -22.27 9.50 11.44
CA VAL A 224 -21.59 10.48 10.59
C VAL A 224 -21.86 10.29 9.07
N SER A 225 -22.80 9.40 8.75
CA SER A 225 -23.21 9.07 7.36
C SER A 225 -22.09 8.62 6.41
N VAL A 226 -21.09 7.89 6.95
CA VAL A 226 -20.07 7.27 6.11
C VAL A 226 -20.41 5.78 5.99
N ASP A 227 -20.49 5.32 4.75
CA ASP A 227 -20.75 3.94 4.43
C ASP A 227 -19.42 3.16 4.30
N PHE A 228 -19.45 1.93 4.83
CA PHE A 228 -18.36 0.97 4.67
C PHE A 228 -18.93 -0.23 3.99
N PRO A 229 -18.38 -0.59 2.82
CA PRO A 229 -18.86 -1.83 2.17
C PRO A 229 -18.46 -3.09 2.98
N GLU A 230 -19.09 -4.23 2.68
CA GLU A 230 -18.98 -5.46 3.53
C GLU A 230 -17.53 -5.86 3.83
N MET A 231 -16.72 -5.98 2.79
CA MET A 231 -15.36 -6.45 2.98
C MET A 231 -14.49 -5.49 3.82
N MET A 232 -14.64 -4.19 3.58
CA MET A 232 -13.87 -3.17 4.32
C MET A 232 -14.29 -3.17 5.79
N ALA A 233 -15.58 -3.33 6.00
CA ALA A 233 -16.17 -3.42 7.33
C ALA A 233 -15.59 -4.59 8.12
N GLU A 234 -15.54 -5.76 7.48
CA GLU A 234 -15.03 -6.97 8.10
C GLU A 234 -13.55 -6.83 8.41
N ILE A 235 -12.77 -6.36 7.44
CA ILE A 235 -11.32 -6.31 7.65
C ILE A 235 -10.98 -5.27 8.71
N ILE A 236 -11.71 -4.17 8.74
CA ILE A 236 -11.37 -3.08 9.62
C ILE A 236 -11.74 -3.44 11.05
N SER A 237 -12.75 -4.29 11.20
CA SER A 237 -13.18 -4.77 12.50
C SER A 237 -12.42 -6.02 13.00
N VAL A 238 -11.93 -6.87 12.09
CA VAL A 238 -11.33 -8.17 12.51
C VAL A 238 -9.81 -8.13 12.46
N GLN A 239 -9.25 -7.54 11.40
CA GLN A 239 -7.81 -7.60 11.20
C GLN A 239 -7.10 -6.30 11.58
N VAL A 240 -7.65 -5.15 11.20
CA VAL A 240 -7.04 -3.89 11.63
C VAL A 240 -6.78 -3.81 13.17
N PRO A 241 -7.75 -4.18 14.01
CA PRO A 241 -7.43 -4.05 15.46
C PRO A 241 -6.25 -4.92 15.95
N LYS A 242 -5.95 -6.02 15.26
CA LYS A 242 -4.78 -6.82 15.60
C LYS A 242 -3.57 -6.02 15.32
N ILE A 243 -3.65 -5.12 14.36
CA ILE A 243 -2.50 -4.23 14.14
C ILE A 243 -2.50 -3.12 15.17
N LEU A 244 -3.67 -2.60 15.50
CA LEU A 244 -3.61 -1.45 16.39
C LEU A 244 -3.16 -1.98 17.76
N SER A 245 -3.61 -3.18 18.13
CA SER A 245 -3.29 -3.74 19.45
C SER A 245 -1.91 -4.38 19.49
N GLY A 246 -1.17 -4.28 18.39
CA GLY A 246 0.20 -4.80 18.38
C GLY A 246 0.35 -6.31 18.31
N LYS A 247 -0.71 -7.02 17.97
CA LYS A 247 -0.60 -8.48 17.70
C LYS A 247 0.02 -8.81 16.34
N VAL A 248 -0.10 -7.84 15.41
CA VAL A 248 0.50 -7.90 14.08
C VAL A 248 1.37 -6.68 13.92
N LYS A 249 2.60 -6.86 13.43
CA LYS A 249 3.53 -5.77 13.37
C LYS A 249 4.31 -5.76 12.06
N PRO A 250 4.67 -4.56 11.56
CA PRO A 250 5.40 -4.46 10.29
C PRO A 250 6.77 -5.04 10.47
N ILE A 251 7.38 -5.54 9.38
CA ILE A 251 8.78 -5.93 9.39
C ILE A 251 9.59 -4.76 8.86
N TYR A 252 10.31 -4.04 9.70
CA TYR A 252 11.15 -2.96 9.19
C TYR A 252 12.53 -3.44 8.80
N PHE A 253 13.17 -2.76 7.85
CA PHE A 253 14.59 -2.95 7.57
C PHE A 253 15.53 -2.36 8.62
N HIS A 254 15.26 -1.12 9.05
CA HIS A 254 16.11 -0.41 10.01
C HIS A 254 15.30 -0.18 11.25
N THR A 255 15.96 -0.25 12.40
CA THR A 255 15.20 -0.08 13.67
C THR A 255 14.70 1.36 13.85
N GLN A 256 13.46 1.48 14.32
CA GLN A 256 12.85 2.78 14.62
C GLN A 256 13.22 3.17 16.06
#